data_7F7K
#
_entry.id   7F7K
#
_cell.length_a   77.671
_cell.length_b   77.671
_cell.length_c   454.088
_cell.angle_alpha   90.000
_cell.angle_beta   90.000
_cell.angle_gamma   120.000
#
_symmetry.space_group_name_H-M   'P 61 2 2'
#
loop_
_entity.id
_entity.type
_entity.pdbx_description
1 polymer AKR4-2
2 non-polymer 'NADP NICOTINAMIDE-ADENINE-DINUCLEOTIDE PHOSPHATE'
3 non-polymer 'SULFATE ION'
4 non-polymer 'COBALT (II) ION'
5 water water
#
_entity_poly.entity_id   1
_entity_poly.type   'polypeptide(L)'
_entity_poly.pdbx_seq_one_letter_code
;GAGAGAGAGAGMARHFVLNTGAKIPSVGLGTWQSDPGVVGDAVYTAVKAGYRHIDCAKVYGNEKEIGLALKKLFEEGVVK
REDLFITSKLWNDRHAPEDVPEALNESLTDLQLDYLDLYLIHWPFRVKKGTNTSPENFITPDIPATWGAMEKCYDAGKAR
AIGVSNFSSKKLGDLLAVARVHPAVDQVECHPGWQQTKLHNFCQSTGVHLTAYSPLGSPGTTWMNGNVLKEPVIISIAEK
LGKTPAQVALRWNIQMGHSVLPKSTNEERIKQNLDVYDWSIPDDLLAKFSEIKQARLLRGNFIVNPQSVYKTHEELWDGE
L
;
_entity_poly.pdbx_strand_id   A,B
#
# COMPACT_ATOMS: atom_id res chain seq x y z
N ALA A 13 24.23 26.04 16.78
CA ALA A 13 22.85 25.62 16.61
C ALA A 13 22.78 24.27 15.89
N ARG A 14 23.94 23.80 15.39
CA ARG A 14 23.99 22.70 14.44
C ARG A 14 23.80 21.33 15.08
N HIS A 15 23.84 21.22 16.40
N HIS A 15 23.83 21.22 16.40
CA HIS A 15 23.73 19.94 17.08
CA HIS A 15 23.63 19.92 17.03
C HIS A 15 22.95 20.13 18.38
C HIS A 15 22.96 20.12 18.38
N PHE A 16 22.33 19.05 18.85
CA PHE A 16 21.85 18.97 20.22
C PHE A 16 22.53 17.78 20.87
N VAL A 17 22.58 17.77 22.19
CA VAL A 17 23.29 16.75 22.96
C VAL A 17 22.27 15.85 23.64
N LEU A 18 22.40 14.55 23.43
CA LEU A 18 21.48 13.60 24.04
C LEU A 18 21.95 13.25 25.44
N ASN A 19 21.05 12.67 26.24
CA ASN A 19 21.43 12.28 27.59
C ASN A 19 22.52 11.21 27.64
N THR A 20 22.88 10.60 26.51
CA THR A 20 24.05 9.72 26.45
C THR A 20 25.36 10.46 26.22
N GLY A 21 25.32 11.77 26.00
CA GLY A 21 26.50 12.54 25.63
C GLY A 21 26.71 12.70 24.13
N ALA A 22 26.08 11.88 23.30
CA ALA A 22 26.30 11.97 21.87
C ALA A 22 25.53 13.17 21.29
N LYS A 23 26.05 13.72 20.21
CA LYS A 23 25.46 14.87 19.53
C LYS A 23 24.55 14.38 18.40
N ILE A 24 23.34 14.92 18.34
CA ILE A 24 22.43 14.63 17.24
C ILE A 24 22.38 15.87 16.34
N PRO A 25 22.65 15.75 15.04
CA PRO A 25 22.55 16.92 14.16
C PRO A 25 21.13 17.46 14.13
N SER A 26 21.01 18.78 14.19
CA SER A 26 19.70 19.42 14.39
C SER A 26 18.76 19.20 13.21
N VAL A 27 19.30 18.99 12.01
CA VAL A 27 18.50 18.71 10.83
C VAL A 27 18.84 17.30 10.37
N GLY A 28 17.82 16.49 10.10
CA GLY A 28 18.01 15.21 9.48
C GLY A 28 17.05 15.05 8.32
N LEU A 29 17.40 14.16 7.40
CA LEU A 29 16.55 13.87 6.26
C LEU A 29 15.45 12.89 6.66
N GLY A 30 14.20 13.32 6.58
CA GLY A 30 13.10 12.37 6.68
C GLY A 30 13.02 11.50 5.44
N THR A 31 12.63 10.24 5.62
CA THR A 31 12.54 9.32 4.49
C THR A 31 11.23 8.55 4.42
N TRP A 32 10.26 8.87 5.28
CA TRP A 32 8.91 8.34 5.09
C TRP A 32 8.39 8.73 3.71
N GLN A 33 7.87 7.75 2.98
CA GLN A 33 7.25 7.94 1.67
C GLN A 33 8.29 8.39 0.65
N SER A 34 9.25 7.51 0.39
CA SER A 34 10.29 7.73 -0.60
C SER A 34 10.47 6.42 -1.36
N ASP A 35 9.96 6.37 -2.60
CA ASP A 35 9.69 5.23 -3.49
C ASP A 35 10.96 4.56 -4.03
N PRO A 36 10.87 3.68 -5.06
CA PRO A 36 12.09 3.06 -5.58
C PRO A 36 12.98 4.04 -6.35
N GLY A 37 14.25 4.07 -5.99
CA GLY A 37 15.25 4.89 -6.64
C GLY A 37 15.35 6.29 -6.09
N VAL A 38 14.22 6.84 -5.66
CA VAL A 38 14.19 8.24 -5.30
C VAL A 38 14.86 8.51 -3.95
N VAL A 39 14.70 7.60 -2.98
CA VAL A 39 15.21 7.85 -1.63
C VAL A 39 16.74 7.83 -1.61
N GLY A 40 17.36 6.83 -2.23
CA GLY A 40 18.82 6.80 -2.31
C GLY A 40 19.39 8.07 -2.89
N ASP A 41 18.76 8.60 -3.94
CA ASP A 41 19.20 9.86 -4.52
C ASP A 41 19.06 10.99 -3.52
N ALA A 42 17.95 11.02 -2.79
CA ALA A 42 17.75 12.08 -1.81
C ALA A 42 18.79 12.00 -0.71
N VAL A 43 19.06 10.78 -0.20
CA VAL A 43 20.04 10.60 0.85
C VAL A 43 21.43 10.98 0.35
N TYR A 44 21.77 10.54 -0.86
CA TYR A 44 23.03 10.94 -1.49
C TYR A 44 23.12 12.47 -1.61
N THR A 45 22.08 13.10 -2.15
CA THR A 45 22.12 14.54 -2.36
C THR A 45 22.13 15.29 -1.02
N ALA A 46 21.31 14.84 -0.07
CA ALA A 46 21.27 15.49 1.25
C ALA A 46 22.63 15.46 1.93
N VAL A 47 23.33 14.33 1.85
CA VAL A 47 24.60 14.25 2.58
C VAL A 47 25.67 15.11 1.92
N LYS A 48 25.72 15.12 0.58
CA LYS A 48 26.70 15.98 -0.09
C LYS A 48 26.38 17.47 0.12
N ALA A 49 25.08 17.81 0.15
CA ALA A 49 24.68 19.15 0.51
C ALA A 49 25.05 19.51 1.95
N GLY A 50 25.36 18.52 2.78
CA GLY A 50 25.79 18.77 4.15
C GLY A 50 24.95 18.12 5.24
N TYR A 51 23.90 17.35 4.92
CA TYR A 51 23.16 16.64 5.96
C TYR A 51 24.06 15.61 6.62
N ARG A 52 23.96 15.49 7.95
CA ARG A 52 24.71 14.47 8.69
C ARG A 52 23.79 13.55 9.48
N HIS A 53 22.49 13.59 9.17
CA HIS A 53 21.51 12.90 10.00
C HIS A 53 20.44 12.34 9.05
N ILE A 54 20.24 11.03 9.07
CA ILE A 54 19.26 10.36 8.23
C ILE A 54 18.32 9.54 9.11
N ASP A 55 17.01 9.81 9.04
CA ASP A 55 16.01 9.11 9.82
C ASP A 55 15.33 8.07 8.93
N CYS A 56 15.41 6.80 9.34
CA CYS A 56 14.82 5.69 8.60
C CYS A 56 13.82 4.96 9.50
N ALA A 57 13.18 3.96 8.92
CA ALA A 57 12.25 3.10 9.64
C ALA A 57 12.05 1.84 8.82
N LYS A 58 12.13 0.68 9.46
CA LYS A 58 11.97 -0.57 8.75
C LYS A 58 10.61 -0.62 8.03
N VAL A 59 9.57 -0.05 8.65
CA VAL A 59 8.25 -0.19 8.06
C VAL A 59 8.13 0.55 6.74
N TYR A 60 9.01 1.50 6.44
CA TYR A 60 9.00 2.14 5.13
C TYR A 60 9.54 1.24 4.03
N GLY A 61 10.19 0.12 4.36
CA GLY A 61 10.66 -0.84 3.39
C GLY A 61 11.91 -0.48 2.61
N ASN A 62 12.34 0.78 2.62
CA ASN A 62 13.37 1.27 1.72
C ASN A 62 14.77 1.28 2.35
N GLU A 63 15.05 0.45 3.34
CA GLU A 63 16.33 0.54 4.03
C GLU A 63 17.47 -0.01 3.19
N LYS A 64 17.23 -1.08 2.42
CA LYS A 64 18.25 -1.57 1.48
C LYS A 64 18.68 -0.47 0.52
N GLU A 65 17.71 0.26 -0.03
CA GLU A 65 18.02 1.40 -0.87
C GLU A 65 18.83 2.46 -0.12
N ILE A 66 18.43 2.78 1.12
CA ILE A 66 19.19 3.76 1.88
C ILE A 66 20.60 3.26 2.13
N GLY A 67 20.75 1.97 2.42
CA GLY A 67 22.06 1.43 2.69
C GLY A 67 22.99 1.56 1.51
N LEU A 68 22.46 1.38 0.30
CA LEU A 68 23.28 1.48 -0.90
C LEU A 68 23.75 2.91 -1.13
N ALA A 69 22.89 3.89 -0.82
CA ALA A 69 23.32 5.29 -0.92
C ALA A 69 24.41 5.61 0.10
N LEU A 70 24.26 5.11 1.34
CA LEU A 70 25.30 5.35 2.34
C LEU A 70 26.61 4.70 1.92
N LYS A 71 26.53 3.47 1.40
CA LYS A 71 27.73 2.77 0.92
C LYS A 71 28.45 3.56 -0.15
N LYS A 72 27.70 4.18 -1.07
CA LYS A 72 28.31 5.02 -2.10
C LYS A 72 28.94 6.26 -1.48
N LEU A 73 28.26 6.87 -0.51
CA LEU A 73 28.82 8.04 0.16
C LEU A 73 30.13 7.71 0.86
N PHE A 74 30.18 6.57 1.56
CA PHE A 74 31.41 6.20 2.23
C PHE A 74 32.53 5.96 1.23
N GLU A 75 32.23 5.20 0.16
CA GLU A 75 33.26 4.82 -0.79
C GLU A 75 33.82 6.03 -1.54
N GLU A 76 32.97 6.99 -1.88
CA GLU A 76 33.45 8.21 -2.51
C GLU A 76 34.13 9.16 -1.53
N GLY A 77 34.25 8.78 -0.26
CA GLY A 77 34.84 9.65 0.73
C GLY A 77 34.08 10.92 1.01
N VAL A 78 32.78 10.96 0.71
CA VAL A 78 32.00 12.15 1.06
C VAL A 78 31.94 12.33 2.57
N VAL A 79 31.73 11.22 3.30
CA VAL A 79 31.71 11.21 4.75
C VAL A 79 32.26 9.87 5.21
N LYS A 80 32.65 9.80 6.48
CA LYS A 80 32.90 8.56 7.19
C LYS A 80 31.70 8.20 8.03
N ARG A 81 31.64 6.92 8.43
CA ARG A 81 30.48 6.44 9.15
C ARG A 81 30.27 7.24 10.43
N GLU A 82 31.34 7.52 11.16
CA GLU A 82 31.16 8.25 12.40
C GLU A 82 30.79 9.71 12.17
N ASP A 83 30.77 10.18 10.92
CA ASP A 83 30.24 11.51 10.62
C ASP A 83 28.73 11.54 10.57
N LEU A 84 28.06 10.39 10.46
CA LEU A 84 26.64 10.34 10.18
C LEU A 84 25.89 9.86 11.40
N PHE A 85 24.69 10.41 11.58
CA PHE A 85 23.74 9.97 12.60
C PHE A 85 22.61 9.24 11.89
N ILE A 86 22.53 7.92 12.07
CA ILE A 86 21.53 7.08 11.40
C ILE A 86 20.54 6.57 12.43
N THR A 87 19.26 6.84 12.20
CA THR A 87 18.17 6.36 13.04
C THR A 87 17.34 5.33 12.29
N SER A 88 16.92 4.27 12.98
CA SER A 88 15.84 3.44 12.47
C SER A 88 14.89 3.08 13.61
N LYS A 89 13.86 2.32 13.28
CA LYS A 89 12.71 2.17 14.17
C LYS A 89 12.22 0.73 14.20
N LEU A 90 11.84 0.30 15.38
CA LEU A 90 11.29 -1.03 15.60
C LEU A 90 9.79 -1.01 15.33
N TRP A 91 9.33 -1.81 14.36
CA TRP A 91 7.92 -1.76 13.97
C TRP A 91 7.06 -2.51 14.97
N ASN A 92 5.74 -2.27 14.90
CA ASN A 92 4.82 -2.76 15.92
C ASN A 92 4.75 -4.28 16.02
N ASP A 93 5.23 -5.02 15.03
CA ASP A 93 5.11 -6.46 15.10
C ASP A 93 6.33 -7.12 15.73
N ARG A 94 7.32 -6.34 16.17
CA ARG A 94 8.52 -6.91 16.78
C ARG A 94 8.70 -6.49 18.23
N HIS A 95 7.62 -6.10 18.92
CA HIS A 95 7.74 -5.69 20.31
C HIS A 95 8.13 -6.81 21.25
N ALA A 96 7.79 -8.07 20.92
CA ALA A 96 8.15 -9.18 21.80
C ALA A 96 9.65 -9.15 22.07
N PRO A 97 10.09 -9.34 23.31
CA PRO A 97 11.53 -9.17 23.64
C PRO A 97 12.47 -9.96 22.77
N GLU A 98 12.09 -11.18 22.38
CA GLU A 98 12.99 -12.02 21.61
C GLU A 98 13.10 -11.51 20.17
N ASP A 99 12.07 -10.82 19.68
CA ASP A 99 12.10 -10.31 18.32
C ASP A 99 12.85 -8.99 18.20
N VAL A 100 13.00 -8.25 19.29
CA VAL A 100 13.57 -6.90 19.23
C VAL A 100 14.98 -6.93 18.63
N PRO A 101 15.94 -7.69 19.17
CA PRO A 101 17.31 -7.62 18.60
C PRO A 101 17.38 -8.21 17.20
N GLU A 102 16.50 -9.16 16.86
CA GLU A 102 16.49 -9.66 15.50
C GLU A 102 16.03 -8.57 14.53
N ALA A 103 14.99 -7.81 14.90
CA ALA A 103 14.55 -6.69 14.06
C ALA A 103 15.68 -5.68 13.85
N LEU A 104 16.38 -5.31 14.91
CA LEU A 104 17.53 -4.41 14.76
C LEU A 104 18.56 -4.99 13.81
N ASN A 105 18.87 -6.28 13.97
CA ASN A 105 19.86 -6.92 13.10
C ASN A 105 19.45 -6.84 11.64
N GLU A 106 18.15 -7.02 11.36
CA GLU A 106 17.66 -6.90 9.99
C GLU A 106 17.79 -5.48 9.47
N SER A 107 17.45 -4.47 10.29
CA SER A 107 17.63 -3.10 9.85
C SER A 107 19.11 -2.80 9.62
N LEU A 108 19.98 -3.32 10.49
CA LEU A 108 21.41 -3.10 10.30
C LEU A 108 21.88 -3.76 9.02
N THR A 109 21.43 -4.99 8.77
CA THR A 109 21.86 -5.72 7.60
C THR A 109 21.46 -4.99 6.32
N ASP A 110 20.18 -4.61 6.23
CA ASP A 110 19.72 -3.85 5.07
C ASP A 110 20.48 -2.54 4.90
N LEU A 111 20.76 -1.83 6.00
CA LEU A 111 21.47 -0.56 5.90
C LEU A 111 22.98 -0.74 5.72
N GLN A 112 23.50 -1.96 5.93
CA GLN A 112 24.93 -2.25 5.77
C GLN A 112 25.75 -1.45 6.79
N LEU A 113 25.25 -1.42 8.01
CA LEU A 113 25.93 -0.75 9.10
C LEU A 113 26.16 -1.75 10.23
N ASP A 114 27.16 -1.47 11.04
CA ASP A 114 27.34 -2.26 12.25
C ASP A 114 26.52 -1.75 13.42
N TYR A 115 26.15 -0.47 13.40
CA TYR A 115 25.43 0.09 14.52
C TYR A 115 24.53 1.21 14.01
N LEU A 116 23.40 1.39 14.68
CA LEU A 116 22.61 2.60 14.51
C LEU A 116 23.02 3.61 15.58
N ASP A 117 22.91 4.89 15.24
CA ASP A 117 23.06 5.91 16.27
C ASP A 117 21.84 6.00 17.16
N LEU A 118 20.66 5.62 16.66
CA LEU A 118 19.41 5.76 17.38
C LEU A 118 18.43 4.69 16.91
N TYR A 119 17.86 3.97 17.85
CA TYR A 119 16.84 2.97 17.55
C TYR A 119 15.62 3.34 18.36
N LEU A 120 14.48 3.51 17.68
CA LEU A 120 13.24 3.97 18.30
C LEU A 120 12.17 2.88 18.29
N ILE A 121 11.45 2.75 19.39
CA ILE A 121 10.15 2.07 19.34
C ILE A 121 9.22 2.95 18.53
N HIS A 122 8.71 2.42 17.40
CA HIS A 122 8.00 3.28 16.44
C HIS A 122 6.70 3.83 17.01
N TRP A 123 5.91 2.99 17.67
CA TRP A 123 4.58 3.30 18.20
C TRP A 123 4.40 2.57 19.53
N PRO A 124 3.63 3.15 20.45
CA PRO A 124 3.23 2.38 21.66
C PRO A 124 2.10 1.40 21.36
N PHE A 125 2.35 0.49 20.42
CA PHE A 125 1.29 -0.38 19.93
C PHE A 125 1.88 -1.66 19.37
N ARG A 126 1.25 -2.80 19.65
CA ARG A 126 1.82 -4.10 19.33
C ARG A 126 0.85 -4.93 18.49
N VAL A 127 1.41 -5.68 17.52
CA VAL A 127 0.66 -6.70 16.81
C VAL A 127 1.51 -7.96 16.80
N LYS A 128 0.85 -9.10 16.55
CA LYS A 128 1.56 -10.37 16.44
C LYS A 128 2.63 -10.29 15.37
N LYS A 129 3.77 -10.93 15.64
CA LYS A 129 4.89 -10.92 14.71
C LYS A 129 4.44 -11.33 13.31
N GLY A 130 4.90 -10.57 12.31
CA GLY A 130 4.68 -10.91 10.92
C GLY A 130 3.26 -10.76 10.43
N THR A 131 2.44 -9.96 11.12
CA THR A 131 1.06 -9.73 10.74
C THR A 131 0.84 -8.23 10.59
N ASN A 132 -0.31 -7.86 10.05
CA ASN A 132 -0.57 -6.46 9.72
C ASN A 132 -1.46 -5.82 10.78
N THR A 133 -1.65 -4.51 10.64
CA THR A 133 -2.50 -3.79 11.59
C THR A 133 -3.94 -4.12 11.26
N SER A 134 -4.46 -5.14 11.92
CA SER A 134 -5.85 -5.57 11.86
C SER A 134 -6.25 -6.06 13.24
N PRO A 135 -7.51 -5.87 13.64
CA PRO A 135 -7.90 -6.15 15.03
C PRO A 135 -7.57 -7.56 15.50
N GLU A 136 -7.52 -8.56 14.63
CA GLU A 136 -7.15 -9.93 15.04
C GLU A 136 -5.65 -10.12 15.15
N ASN A 137 -4.90 -9.04 15.09
CA ASN A 137 -3.45 -9.11 15.23
C ASN A 137 -3.00 -8.35 16.47
N PHE A 138 -3.91 -7.59 17.08
CA PHE A 138 -3.62 -6.73 18.23
C PHE A 138 -3.18 -7.56 19.43
N ILE A 139 -1.98 -7.27 19.92
CA ILE A 139 -1.52 -7.75 21.22
C ILE A 139 -1.39 -6.56 22.15
N THR A 140 -1.83 -6.72 23.40
CA THR A 140 -1.66 -5.67 24.38
C THR A 140 -0.17 -5.33 24.56
N PRO A 141 0.23 -4.08 24.39
CA PRO A 141 1.65 -3.72 24.47
C PRO A 141 2.24 -4.03 25.84
N ASP A 142 3.54 -4.33 25.86
CA ASP A 142 4.31 -4.46 27.10
C ASP A 142 5.58 -3.64 26.86
N ILE A 143 5.44 -2.31 26.97
CA ILE A 143 6.57 -1.43 26.72
C ILE A 143 7.74 -1.75 27.63
N PRO A 144 7.56 -1.98 28.95
CA PRO A 144 8.72 -2.31 29.79
C PRO A 144 9.47 -3.52 29.30
N ALA A 145 8.77 -4.61 28.96
CA ALA A 145 9.47 -5.80 28.43
C ALA A 145 10.18 -5.47 27.14
N THR A 146 9.53 -4.70 26.25
CA THR A 146 10.18 -4.33 25.00
C THR A 146 11.38 -3.45 25.28
N TRP A 147 11.22 -2.48 26.19
CA TRP A 147 12.35 -1.60 26.51
C TRP A 147 13.52 -2.40 27.04
N GLY A 148 13.26 -3.41 27.88
CA GLY A 148 14.34 -4.24 28.39
C GLY A 148 15.18 -4.81 27.27
N ALA A 149 14.53 -5.20 26.16
CA ALA A 149 15.26 -5.76 25.03
C ALA A 149 15.99 -4.66 24.27
N MET A 150 15.36 -3.50 24.10
CA MET A 150 16.05 -2.34 23.55
C MET A 150 17.31 -2.02 24.35
N GLU A 151 17.22 -2.14 25.68
CA GLU A 151 18.39 -1.85 26.51
C GLU A 151 19.55 -2.79 26.21
N LYS A 152 19.25 -4.07 25.99
CA LYS A 152 20.30 -5.04 25.66
C LYS A 152 20.96 -4.74 24.32
N CYS A 153 20.19 -4.26 23.33
CA CYS A 153 20.83 -3.85 22.07
C CYS A 153 21.71 -2.64 22.27
N TYR A 154 21.33 -1.76 23.19
CA TYR A 154 22.18 -0.63 23.54
C TYR A 154 23.45 -1.11 24.23
N ASP A 155 23.31 -2.00 25.23
CA ASP A 155 24.47 -2.56 25.92
C ASP A 155 25.37 -3.32 24.96
N ALA A 156 24.81 -3.97 23.94
CA ALA A 156 25.63 -4.70 22.98
C ALA A 156 26.29 -3.80 21.96
N GLY A 157 26.03 -2.49 21.96
CA GLY A 157 26.66 -1.59 21.04
C GLY A 157 25.97 -1.43 19.71
N LYS A 158 24.92 -2.23 19.44
CA LYS A 158 24.23 -2.17 18.16
C LYS A 158 23.45 -0.87 17.96
N ALA A 159 22.97 -0.26 19.05
CA ALA A 159 22.35 1.06 19.01
C ALA A 159 23.05 1.97 20.01
N ARG A 160 23.67 3.04 19.52
CA ARG A 160 24.37 3.94 20.45
C ARG A 160 23.40 4.62 21.39
N ALA A 161 22.16 4.83 20.95
CA ALA A 161 21.11 5.39 21.78
C ALA A 161 19.82 4.69 21.43
N ILE A 162 18.93 4.58 22.39
CA ILE A 162 17.60 4.06 22.17
C ILE A 162 16.59 5.10 22.63
N GLY A 163 15.40 5.06 22.02
CA GLY A 163 14.33 5.95 22.39
C GLY A 163 13.02 5.46 21.84
N VAL A 164 12.05 6.37 21.77
CA VAL A 164 10.68 6.05 21.39
C VAL A 164 10.15 7.07 20.39
N SER A 165 9.05 6.70 19.76
CA SER A 165 8.32 7.59 18.86
C SER A 165 6.84 7.54 19.19
N ASN A 166 6.18 8.69 19.06
CA ASN A 166 4.74 8.79 19.26
C ASN A 166 4.32 8.47 20.69
N PHE A 167 5.17 8.84 21.66
CA PHE A 167 4.88 8.67 23.08
C PHE A 167 4.40 9.98 23.70
N SER A 168 3.25 9.95 24.35
CA SER A 168 2.78 11.12 25.09
C SER A 168 3.69 11.39 26.29
N SER A 169 3.46 12.55 26.93
CA SER A 169 4.09 12.85 28.22
C SER A 169 3.90 11.72 29.22
N LYS A 170 2.65 11.33 29.43
CA LYS A 170 2.37 10.22 30.34
C LYS A 170 3.18 8.99 29.98
N LYS A 171 3.00 8.49 28.75
CA LYS A 171 3.64 7.23 28.37
C LYS A 171 5.16 7.36 28.43
N LEU A 172 5.70 8.51 28.02
CA LEU A 172 7.14 8.73 28.16
C LEU A 172 7.56 8.68 29.63
N GLY A 173 6.74 9.28 30.51
CA GLY A 173 7.05 9.22 31.93
C GLY A 173 6.90 7.84 32.50
N ASP A 174 5.86 7.11 32.08
CA ASP A 174 5.71 5.74 32.54
C ASP A 174 6.90 4.88 32.15
N LEU A 175 7.52 5.17 31.01
CA LEU A 175 8.70 4.42 30.60
C LEU A 175 9.95 4.87 31.33
N LEU A 176 10.09 6.18 31.58
CA LEU A 176 11.21 6.66 32.38
C LEU A 176 11.19 6.07 33.78
N ALA A 177 9.99 5.87 34.34
CA ALA A 177 9.89 5.38 35.70
C ALA A 177 10.47 3.99 35.85
N VAL A 178 10.28 3.12 34.85
CA VAL A 178 10.71 1.72 34.99
C VAL A 178 12.09 1.47 34.38
N ALA A 179 12.67 2.44 33.68
CA ALA A 179 13.79 2.18 32.80
C ALA A 179 15.13 2.23 33.52
N ARG A 180 16.06 1.38 33.10
CA ARG A 180 17.46 1.59 33.46
C ARG A 180 18.09 2.60 32.51
N VAL A 181 18.05 2.34 31.21
CA VAL A 181 18.57 3.27 30.23
C VAL A 181 17.44 4.19 29.81
N HIS A 182 17.58 5.46 30.14
CA HIS A 182 16.57 6.44 29.76
C HIS A 182 16.44 6.49 28.24
N PRO A 183 15.23 6.54 27.71
CA PRO A 183 15.06 6.91 26.31
C PRO A 183 15.79 8.21 26.00
N ALA A 184 16.54 8.21 24.90
CA ALA A 184 17.31 9.40 24.54
C ALA A 184 16.47 10.41 23.78
N VAL A 185 15.43 9.93 23.09
CA VAL A 185 14.67 10.73 22.13
C VAL A 185 13.21 10.32 22.23
N ASP A 186 12.31 11.28 22.09
CA ASP A 186 10.91 11.00 21.77
C ASP A 186 10.62 11.71 20.44
N GLN A 187 10.50 10.95 19.34
CA GLN A 187 10.26 11.54 18.03
C GLN A 187 8.76 11.63 17.74
N VAL A 188 8.25 12.85 17.58
CA VAL A 188 6.80 13.05 17.48
C VAL A 188 6.50 14.10 16.42
N GLU A 189 5.23 14.14 16.00
CA GLU A 189 4.77 15.19 15.11
C GLU A 189 4.94 16.53 15.82
N CYS A 190 5.61 17.49 15.17
CA CYS A 190 5.77 18.77 15.85
C CYS A 190 6.14 19.85 14.84
N HIS A 191 5.34 20.90 14.80
CA HIS A 191 5.42 21.95 13.78
C HIS A 191 4.59 23.12 14.30
N PRO A 192 4.63 24.28 13.64
CA PRO A 192 3.88 25.45 14.19
C PRO A 192 2.39 25.21 14.34
N GLY A 193 1.81 24.26 13.61
CA GLY A 193 0.41 23.91 13.81
C GLY A 193 0.16 22.90 14.91
N TRP A 194 1.23 22.30 15.44
CA TRP A 194 1.11 21.31 16.51
C TRP A 194 2.42 21.38 17.30
N GLN A 195 2.45 22.28 18.28
CA GLN A 195 3.69 22.73 18.88
C GLN A 195 4.13 21.90 20.09
N GLN A 196 3.28 20.99 20.57
CA GLN A 196 3.68 19.98 21.56
C GLN A 196 4.25 20.59 22.83
N THR A 197 3.64 21.70 23.28
CA THR A 197 4.19 22.44 24.42
C THR A 197 4.26 21.58 25.67
N LYS A 198 3.18 20.85 25.96
CA LYS A 198 3.17 19.93 27.08
C LYS A 198 4.37 18.98 27.01
N LEU A 199 4.48 18.22 25.91
CA LEU A 199 5.56 17.26 25.77
C LEU A 199 6.92 17.95 25.76
N HIS A 200 7.00 19.14 25.16
CA HIS A 200 8.24 19.91 25.15
C HIS A 200 8.74 20.20 26.56
N ASN A 201 7.85 20.69 27.43
CA ASN A 201 8.27 20.98 28.80
C ASN A 201 8.68 19.72 29.50
N PHE A 202 7.92 18.65 29.29
CA PHE A 202 8.18 17.40 29.98
C PHE A 202 9.53 16.80 29.58
N CYS A 203 9.85 16.79 28.27
CA CYS A 203 11.20 16.40 27.84
C CYS A 203 12.29 17.25 28.47
N GLN A 204 12.08 18.56 28.53
CA GLN A 204 13.09 19.40 29.17
C GLN A 204 13.29 19.01 30.62
N SER A 205 12.20 18.68 31.33
CA SER A 205 12.35 18.34 32.73
C SER A 205 12.95 16.97 32.93
N THR A 206 13.00 16.12 31.89
CA THR A 206 13.48 14.75 32.04
C THR A 206 14.78 14.46 31.30
N GLY A 207 15.29 15.40 30.52
CA GLY A 207 16.46 15.14 29.72
C GLY A 207 16.20 14.37 28.44
N VAL A 208 14.98 14.23 28.02
CA VAL A 208 14.71 13.52 26.78
C VAL A 208 14.73 14.54 25.68
N HIS A 209 15.41 14.22 24.59
CA HIS A 209 15.39 15.09 23.42
C HIS A 209 14.13 14.84 22.59
N LEU A 210 13.59 15.92 22.02
CA LEU A 210 12.41 15.84 21.16
C LEU A 210 12.86 16.08 19.73
N THR A 211 12.60 15.09 18.86
CA THR A 211 12.79 15.24 17.42
C THR A 211 11.43 15.48 16.77
N ALA A 212 11.37 16.52 15.94
CA ALA A 212 10.13 16.91 15.29
C ALA A 212 10.01 16.16 13.97
N TYR A 213 9.04 15.25 13.89
CA TYR A 213 8.70 14.73 12.58
C TYR A 213 7.52 15.52 12.01
N SER A 214 7.35 15.42 10.69
CA SER A 214 6.46 16.29 9.93
C SER A 214 6.68 17.75 10.32
N PRO A 215 7.93 18.24 10.29
CA PRO A 215 8.18 19.61 10.76
C PRO A 215 7.61 20.69 9.84
N LEU A 216 7.19 20.33 8.62
CA LEU A 216 6.55 21.26 7.70
C LEU A 216 5.04 21.10 7.66
N GLY A 217 4.49 20.19 8.47
CA GLY A 217 3.08 19.84 8.40
C GLY A 217 2.75 18.82 7.34
N SER A 218 3.76 18.08 6.84
CA SER A 218 3.69 17.16 5.71
C SER A 218 2.71 17.64 4.63
N PRO A 219 3.04 18.71 3.90
CA PRO A 219 2.16 19.16 2.80
C PRO A 219 1.79 18.07 1.82
N GLY A 220 2.72 17.17 1.49
CA GLY A 220 2.52 16.16 0.46
C GLY A 220 1.85 14.87 0.88
N THR A 221 1.23 14.81 2.06
CA THR A 221 0.48 13.64 2.49
C THR A 221 -1.00 14.01 2.44
N THR A 222 -1.70 13.47 1.43
CA THR A 222 -3.10 13.75 1.18
C THR A 222 -3.96 13.71 2.45
N TRP A 223 -3.94 12.55 3.13
CA TRP A 223 -4.92 12.25 4.17
C TRP A 223 -4.67 13.00 5.47
N MET A 224 -3.52 13.67 5.61
CA MET A 224 -3.29 14.52 6.78
C MET A 224 -3.84 15.93 6.60
N ASN A 225 -3.90 16.43 5.37
CA ASN A 225 -4.45 17.77 5.06
C ASN A 225 -3.63 18.86 5.77
N GLY A 226 -2.33 18.90 5.47
CA GLY A 226 -1.44 19.88 6.07
C GLY A 226 -1.18 21.15 5.27
N ASN A 227 -1.67 22.28 5.79
CA ASN A 227 -1.46 23.59 5.19
C ASN A 227 -0.70 24.51 6.15
N VAL A 228 0.30 23.97 6.84
CA VAL A 228 0.96 24.74 7.89
C VAL A 228 1.76 25.89 7.29
N LEU A 229 2.46 25.65 6.16
CA LEU A 229 3.30 26.66 5.51
C LEU A 229 2.49 27.77 4.85
N LYS A 230 1.21 27.77 5.20
CA LYS A 230 0.26 28.72 4.67
C LYS A 230 -0.36 29.57 5.76
N GLU A 231 0.00 29.36 7.00
CA GLU A 231 -0.50 30.20 8.06
C GLU A 231 0.03 31.62 7.87
N PRO A 232 -0.81 32.64 8.02
CA PRO A 232 -0.35 34.03 7.79
C PRO A 232 0.81 34.43 8.69
N VAL A 233 0.81 33.96 9.94
CA VAL A 233 1.93 34.25 10.84
C VAL A 233 3.25 33.79 10.24
N ILE A 234 3.27 32.59 9.66
CA ILE A 234 4.52 32.09 9.08
C ILE A 234 4.90 32.88 7.84
N ILE A 235 3.94 33.08 6.95
CA ILE A 235 4.20 33.88 5.74
C ILE A 235 4.71 35.27 6.11
N SER A 236 4.07 35.92 7.09
CA SER A 236 4.48 37.25 7.50
C SER A 236 5.92 37.24 8.00
N ILE A 237 6.22 36.34 8.94
CA ILE A 237 7.59 36.21 9.44
C ILE A 237 8.54 35.89 8.30
N ALA A 238 8.08 35.14 7.31
CA ALA A 238 8.96 34.72 6.22
C ALA A 238 9.39 35.91 5.36
N GLU A 239 8.51 36.90 5.15
CA GLU A 239 8.96 37.98 4.30
C GLU A 239 9.67 39.06 5.10
N LYS A 240 9.33 39.25 6.38
CA LYS A 240 10.11 40.20 7.19
C LYS A 240 11.50 39.67 7.52
N LEU A 241 11.75 38.37 7.37
CA LEU A 241 13.11 37.85 7.52
C LEU A 241 13.74 37.49 6.19
N GLY A 242 12.98 37.53 5.10
CA GLY A 242 13.53 37.13 3.81
C GLY A 242 13.86 35.66 3.72
N LYS A 243 12.95 34.80 4.20
CA LYS A 243 13.14 33.35 4.20
C LYS A 243 11.88 32.69 3.67
N THR A 244 11.99 31.44 3.23
CA THR A 244 10.79 30.71 2.85
C THR A 244 9.96 30.39 4.09
N PRO A 245 8.66 30.17 3.92
CA PRO A 245 7.85 29.63 5.02
C PRO A 245 8.45 28.37 5.64
N ALA A 246 9.01 27.48 4.82
CA ALA A 246 9.59 26.26 5.35
C ALA A 246 10.72 26.56 6.32
N GLN A 247 11.65 27.42 5.88
CA GLN A 247 12.77 27.79 6.72
C GLN A 247 12.29 28.37 8.04
N VAL A 248 11.27 29.22 8.01
CA VAL A 248 10.72 29.78 9.23
C VAL A 248 10.12 28.67 10.10
N ALA A 249 9.41 27.72 9.50
CA ALA A 249 8.83 26.61 10.26
C ALA A 249 9.91 25.76 10.90
N LEU A 250 10.96 25.42 10.12
CA LEU A 250 12.06 24.62 10.64
C LEU A 250 12.80 25.37 11.73
N ARG A 251 13.16 26.63 11.47
CA ARG A 251 13.86 27.44 12.46
C ARG A 251 13.07 27.53 13.76
N TRP A 252 11.73 27.60 13.68
CA TRP A 252 10.94 27.67 14.89
C TRP A 252 11.20 26.47 15.78
N ASN A 253 11.24 25.28 15.19
CA ASN A 253 11.45 24.06 15.94
C ASN A 253 12.86 24.02 16.54
N ILE A 254 13.87 24.36 15.73
CA ILE A 254 15.24 24.40 16.22
C ILE A 254 15.39 25.38 17.38
N GLN A 255 14.78 26.56 17.26
CA GLN A 255 14.83 27.50 18.36
C GLN A 255 14.06 27.02 19.58
N MET A 256 13.10 26.10 19.40
CA MET A 256 12.51 25.48 20.56
C MET A 256 13.43 24.41 21.16
N GLY A 257 14.58 24.16 20.54
CA GLY A 257 15.50 23.12 20.98
C GLY A 257 15.23 21.74 20.41
N HIS A 258 14.44 21.63 19.33
CA HIS A 258 14.10 20.33 18.75
C HIS A 258 14.89 20.12 17.47
N SER A 259 15.35 18.88 17.26
CA SER A 259 15.80 18.49 15.95
C SER A 259 14.59 18.34 15.02
N VAL A 260 14.84 18.43 13.72
CA VAL A 260 13.77 18.42 12.73
C VAL A 260 14.12 17.43 11.64
N LEU A 261 13.10 16.76 11.10
CA LEU A 261 13.30 15.75 10.06
C LEU A 261 12.61 16.09 8.74
N PRO A 262 12.87 17.27 8.15
CA PRO A 262 12.20 17.58 6.87
C PRO A 262 12.42 16.49 5.84
N LYS A 263 11.33 16.04 5.24
CA LYS A 263 11.34 15.06 4.15
C LYS A 263 11.23 15.79 2.82
N SER A 264 12.15 15.47 1.90
CA SER A 264 12.06 16.06 0.58
C SER A 264 12.88 15.24 -0.41
N THR A 265 12.46 15.32 -1.68
CA THR A 265 13.18 14.72 -2.79
C THR A 265 13.75 15.74 -3.76
N ASN A 266 13.35 17.01 -3.66
CA ASN A 266 13.87 18.05 -4.53
C ASN A 266 15.19 18.55 -3.98
N GLU A 267 16.20 18.63 -4.86
CA GLU A 267 17.54 18.98 -4.41
C GLU A 267 17.61 20.39 -3.85
N GLU A 268 16.92 21.33 -4.49
CA GLU A 268 16.98 22.72 -4.04
C GLU A 268 16.33 22.89 -2.67
N ARG A 269 15.19 22.22 -2.45
CA ARG A 269 14.52 22.37 -1.16
C ARG A 269 15.28 21.65 -0.06
N ILE A 270 15.92 20.52 -0.38
CA ILE A 270 16.83 19.85 0.54
C ILE A 270 17.89 20.81 1.04
N LYS A 271 18.47 21.60 0.14
CA LYS A 271 19.48 22.57 0.55
C LYS A 271 18.87 23.70 1.36
N GLN A 272 17.69 24.19 0.96
CA GLN A 272 17.03 25.25 1.72
C GLN A 272 16.68 24.79 3.13
N ASN A 273 16.36 23.51 3.29
CA ASN A 273 15.99 22.98 4.60
C ASN A 273 17.19 22.89 5.53
N LEU A 274 18.41 22.99 5.01
CA LEU A 274 19.60 23.04 5.86
C LEU A 274 19.95 24.45 6.31
N ASP A 275 19.39 25.47 5.65
CA ASP A 275 19.75 26.86 5.90
C ASP A 275 18.87 27.46 6.98
N VAL A 276 18.99 26.87 8.18
CA VAL A 276 18.15 27.25 9.30
C VAL A 276 19.03 27.45 10.53
N TYR A 277 20.31 27.73 10.32
CA TYR A 277 21.28 27.71 11.40
C TYR A 277 21.80 29.07 11.83
N ASP A 278 22.15 29.96 10.90
CA ASP A 278 22.88 31.18 11.24
C ASP A 278 22.00 32.43 11.28
N TRP A 279 20.70 32.26 11.52
CA TRP A 279 19.80 33.39 11.69
C TRP A 279 18.73 32.98 12.69
N SER A 280 17.95 33.95 13.16
CA SER A 280 16.99 33.71 14.22
C SER A 280 15.64 34.32 13.88
N ILE A 281 14.62 33.83 14.57
CA ILE A 281 13.31 34.49 14.63
C ILE A 281 13.32 35.42 15.83
N PRO A 282 13.26 36.74 15.64
CA PRO A 282 13.32 37.66 16.79
C PRO A 282 12.21 37.38 17.78
N ASP A 283 12.43 37.84 19.02
CA ASP A 283 11.50 37.57 20.11
C ASP A 283 10.08 38.03 19.78
N ASP A 284 9.95 39.21 19.16
CA ASP A 284 8.64 39.80 18.90
C ASP A 284 7.87 39.02 17.83
N LEU A 285 8.58 38.42 16.88
CA LEU A 285 7.94 37.55 15.90
C LEU A 285 7.65 36.17 16.49
N LEU A 286 8.59 35.63 17.29
CA LEU A 286 8.40 34.31 17.89
C LEU A 286 7.15 34.26 18.75
N ALA A 287 6.85 35.35 19.44
CA ALA A 287 5.65 35.41 20.26
C ALA A 287 4.39 35.18 19.44
N LYS A 288 4.44 35.48 18.14
CA LYS A 288 3.26 35.33 17.29
C LYS A 288 2.88 33.89 17.05
N PHE A 289 3.77 32.93 17.35
CA PHE A 289 3.42 31.54 17.11
C PHE A 289 2.30 31.08 18.03
N SER A 290 2.10 31.77 19.16
CA SER A 290 0.96 31.47 20.00
C SER A 290 -0.37 31.80 19.33
N GLU A 291 -0.36 32.47 18.18
CA GLU A 291 -1.57 32.82 17.45
C GLU A 291 -1.95 31.80 16.38
N ILE A 292 -1.16 30.73 16.21
CA ILE A 292 -1.43 29.74 15.17
C ILE A 292 -2.39 28.68 15.72
N LYS A 293 -3.41 28.37 14.93
CA LYS A 293 -4.38 27.36 15.32
C LYS A 293 -3.71 25.99 15.43
N GLN A 294 -4.08 25.24 16.47
CA GLN A 294 -3.42 23.98 16.81
C GLN A 294 -4.29 22.78 16.45
N ALA A 295 -3.77 21.90 15.59
CA ALA A 295 -4.45 20.66 15.20
C ALA A 295 -3.44 19.56 14.91
N ARG A 296 -3.60 18.41 15.55
CA ARG A 296 -2.73 17.26 15.28
C ARG A 296 -3.10 16.65 13.93
N LEU A 297 -2.11 16.52 13.04
CA LEU A 297 -2.33 16.03 11.68
C LEU A 297 -2.23 14.51 11.55
N LEU A 298 -1.24 13.87 12.18
CA LEU A 298 -1.12 12.41 12.15
C LEU A 298 -1.85 11.87 13.38
N ARG A 299 -3.14 11.58 13.21
CA ARG A 299 -4.00 11.34 14.35
C ARG A 299 -3.82 9.95 14.93
N GLY A 300 -3.29 9.01 14.15
CA GLY A 300 -3.15 7.64 14.61
C GLY A 300 -4.39 6.80 14.47
N ASN A 301 -5.24 7.10 13.48
CA ASN A 301 -6.52 6.39 13.35
C ASN A 301 -6.29 4.89 13.25
N PHE A 302 -5.18 4.48 12.60
CA PHE A 302 -4.97 3.07 12.29
C PHE A 302 -4.81 2.19 13.52
N ILE A 303 -4.74 2.76 14.73
CA ILE A 303 -4.59 1.95 15.94
C ILE A 303 -5.62 2.37 16.98
N VAL A 304 -6.55 3.24 16.60
CA VAL A 304 -7.70 3.57 17.42
C VAL A 304 -8.88 2.76 16.92
N ASN A 305 -9.53 2.04 17.83
CA ASN A 305 -10.38 0.92 17.46
C ASN A 305 -11.04 0.33 18.69
N PRO A 306 -12.28 -0.14 18.58
CA PRO A 306 -12.94 -0.79 19.72
C PRO A 306 -12.19 -1.99 20.27
N GLN A 307 -11.37 -2.66 19.48
CA GLN A 307 -10.57 -3.77 19.98
C GLN A 307 -9.14 -3.38 20.34
N SER A 308 -8.76 -2.12 20.14
CA SER A 308 -7.43 -1.68 20.47
C SER A 308 -7.37 -1.21 21.92
N VAL A 309 -6.16 -1.25 22.51
CA VAL A 309 -5.97 -0.70 23.85
C VAL A 309 -6.29 0.77 23.87
N TYR A 310 -6.18 1.45 22.72
CA TYR A 310 -6.60 2.83 22.57
C TYR A 310 -7.95 2.77 21.85
N LYS A 311 -9.03 2.97 22.60
CA LYS A 311 -10.35 3.01 22.00
C LYS A 311 -10.74 4.39 21.49
N THR A 312 -10.10 5.44 22.02
CA THR A 312 -10.28 6.81 21.57
C THR A 312 -8.91 7.38 21.23
N HIS A 313 -8.93 8.49 20.50
CA HIS A 313 -7.66 9.18 20.25
C HIS A 313 -7.05 9.71 21.54
N GLU A 314 -7.88 10.15 22.50
CA GLU A 314 -7.32 10.63 23.75
C GLU A 314 -6.52 9.54 24.45
N GLU A 315 -7.00 8.29 24.42
CA GLU A 315 -6.28 7.21 25.08
C GLU A 315 -4.91 6.98 24.45
N LEU A 316 -4.79 7.15 23.12
CA LEU A 316 -3.50 7.02 22.47
C LEU A 316 -2.56 8.15 22.89
N TRP A 317 -3.07 9.39 22.88
CA TRP A 317 -2.25 10.58 23.06
C TRP A 317 -2.33 11.15 24.47
N ASP A 318 -3.11 10.53 25.34
CA ASP A 318 -3.25 10.92 26.75
C ASP A 318 -3.60 12.40 26.90
N GLY A 319 -4.55 12.88 26.09
CA GLY A 319 -5.08 14.20 26.19
C GLY A 319 -4.49 15.19 25.22
N GLU A 320 -3.30 14.89 24.70
CA GLU A 320 -2.55 15.81 23.85
C GLU A 320 -3.00 15.63 22.39
N LEU A 321 -4.21 16.11 22.14
CA LEU A 321 -4.78 16.12 20.80
C LEU A 321 -5.88 17.14 20.63
N MET B 12 -11.45 -10.22 7.95
CA MET B 12 -11.96 -11.39 7.23
C MET B 12 -11.50 -11.35 5.76
N ALA B 13 -12.21 -10.56 4.95
CA ALA B 13 -11.93 -10.38 3.52
C ALA B 13 -12.17 -11.66 2.72
N ARG B 14 -12.96 -12.59 3.26
CA ARG B 14 -13.43 -13.71 2.47
C ARG B 14 -14.44 -13.30 1.40
N HIS B 15 -14.98 -12.08 1.49
CA HIS B 15 -15.91 -11.53 0.52
C HIS B 15 -15.64 -10.04 0.42
N PHE B 16 -16.00 -9.47 -0.73
CA PHE B 16 -16.13 -8.03 -0.87
C PHE B 16 -17.57 -7.71 -1.26
N VAL B 17 -18.00 -6.50 -0.97
CA VAL B 17 -19.37 -6.07 -1.28
C VAL B 17 -19.31 -5.22 -2.54
N LEU B 18 -20.15 -5.54 -3.51
CA LEU B 18 -20.23 -4.77 -4.73
C LEU B 18 -21.17 -3.59 -4.52
N ASN B 19 -21.15 -2.65 -5.46
CA ASN B 19 -22.08 -1.54 -5.36
C ASN B 19 -23.52 -1.97 -5.56
N THR B 20 -23.79 -3.22 -5.94
CA THR B 20 -25.15 -3.73 -5.86
C THR B 20 -25.52 -4.17 -4.45
N GLY B 21 -24.55 -4.33 -3.55
CA GLY B 21 -24.78 -4.95 -2.28
C GLY B 21 -24.56 -6.45 -2.27
N ALA B 22 -24.38 -7.08 -3.44
CA ALA B 22 -24.03 -8.50 -3.45
C ALA B 22 -22.61 -8.69 -2.95
N LYS B 23 -22.35 -9.88 -2.41
CA LYS B 23 -21.02 -10.24 -1.94
C LYS B 23 -20.34 -11.05 -3.04
N ILE B 24 -19.10 -10.71 -3.35
CA ILE B 24 -18.31 -11.50 -4.29
C ILE B 24 -17.24 -12.22 -3.48
N PRO B 25 -17.13 -13.54 -3.61
CA PRO B 25 -16.05 -14.24 -2.91
C PRO B 25 -14.70 -13.76 -3.42
N SER B 26 -13.77 -13.56 -2.48
CA SER B 26 -12.53 -12.87 -2.83
C SER B 26 -11.58 -13.77 -3.62
N VAL B 27 -11.82 -15.08 -3.62
CA VAL B 27 -11.07 -16.01 -4.45
C VAL B 27 -12.03 -16.70 -5.41
N GLY B 28 -11.68 -16.71 -6.69
CA GLY B 28 -12.43 -17.46 -7.67
C GLY B 28 -11.49 -18.24 -8.57
N LEU B 29 -12.05 -19.27 -9.20
CA LEU B 29 -11.27 -20.08 -10.13
C LEU B 29 -11.30 -19.46 -11.51
N GLY B 30 -10.14 -19.03 -12.00
CA GLY B 30 -10.04 -18.68 -13.41
C GLY B 30 -10.12 -19.92 -14.29
N THR B 31 -10.66 -19.74 -15.51
CA THR B 31 -10.80 -20.84 -16.46
C THR B 31 -10.22 -20.52 -17.84
N TRP B 32 -9.53 -19.40 -18.00
CA TRP B 32 -8.75 -19.20 -19.21
C TRP B 32 -7.71 -20.30 -19.38
N GLN B 33 -7.75 -20.98 -20.51
CA GLN B 33 -6.74 -21.97 -20.88
C GLN B 33 -6.72 -23.16 -19.93
N SER B 34 -7.91 -23.62 -19.56
CA SER B 34 -8.12 -25.00 -19.12
C SER B 34 -8.99 -25.67 -20.19
N ASP B 35 -8.42 -26.65 -20.90
CA ASP B 35 -9.05 -27.26 -22.07
C ASP B 35 -10.36 -27.96 -21.69
N PRO B 36 -11.36 -28.02 -22.60
CA PRO B 36 -12.72 -28.46 -22.20
C PRO B 36 -12.80 -29.77 -21.44
N GLY B 37 -11.92 -30.73 -21.73
CA GLY B 37 -11.92 -31.97 -20.97
C GLY B 37 -11.51 -31.78 -19.53
N VAL B 38 -10.51 -30.93 -19.30
CA VAL B 38 -9.96 -30.80 -17.95
C VAL B 38 -10.59 -29.64 -17.16
N VAL B 39 -11.10 -28.61 -17.84
CA VAL B 39 -11.67 -27.46 -17.13
C VAL B 39 -12.82 -27.90 -16.24
N GLY B 40 -13.63 -28.83 -16.73
CA GLY B 40 -14.80 -29.25 -15.98
C GLY B 40 -14.46 -29.91 -14.67
N ASP B 41 -13.30 -30.55 -14.57
CA ASP B 41 -12.97 -31.20 -13.32
C ASP B 41 -12.16 -30.32 -12.39
N ALA B 42 -11.50 -29.29 -12.93
CA ALA B 42 -10.97 -28.24 -12.06
C ALA B 42 -12.10 -27.58 -11.29
N VAL B 43 -13.16 -27.16 -12.01
CA VAL B 43 -14.34 -26.58 -11.39
C VAL B 43 -14.90 -27.48 -10.31
N TYR B 44 -14.86 -28.79 -10.52
CA TYR B 44 -15.38 -29.73 -9.53
C TYR B 44 -14.48 -29.82 -8.29
N THR B 45 -13.19 -30.06 -8.51
CA THR B 45 -12.25 -30.03 -7.39
C THR B 45 -12.32 -28.71 -6.64
N ALA B 46 -12.35 -27.60 -7.39
CA ALA B 46 -12.29 -26.28 -6.77
C ALA B 46 -13.48 -26.05 -5.83
N VAL B 47 -14.68 -26.40 -6.28
CA VAL B 47 -15.84 -26.12 -5.44
C VAL B 47 -15.92 -27.10 -4.29
N LYS B 48 -15.59 -28.38 -4.52
CA LYS B 48 -15.54 -29.29 -3.38
C LYS B 48 -14.43 -28.89 -2.41
N ALA B 49 -13.35 -28.26 -2.90
CA ALA B 49 -12.33 -27.73 -2.01
C ALA B 49 -12.77 -26.48 -1.26
N GLY B 50 -13.79 -25.76 -1.75
CA GLY B 50 -14.33 -24.61 -1.03
C GLY B 50 -14.48 -23.33 -1.84
N TYR B 51 -14.00 -23.32 -3.09
CA TYR B 51 -14.21 -22.15 -3.94
C TYR B 51 -15.70 -21.93 -4.14
N ARG B 52 -16.13 -20.67 -4.11
CA ARG B 52 -17.53 -20.39 -4.41
C ARG B 52 -17.67 -19.27 -5.44
N HIS B 53 -16.68 -19.14 -6.30
CA HIS B 53 -16.60 -18.10 -7.30
C HIS B 53 -15.93 -18.74 -8.51
N ILE B 54 -16.64 -18.83 -9.64
CA ILE B 54 -16.08 -19.40 -10.86
C ILE B 54 -16.13 -18.34 -11.93
N ASP B 55 -14.98 -18.02 -12.53
CA ASP B 55 -14.89 -17.00 -13.57
C ASP B 55 -14.81 -17.66 -14.94
N CYS B 56 -15.72 -17.27 -15.85
CA CYS B 56 -15.82 -17.86 -17.19
C CYS B 56 -15.82 -16.76 -18.25
N ALA B 57 -15.88 -17.20 -19.51
CA ALA B 57 -16.05 -16.30 -20.64
C ALA B 57 -16.47 -17.12 -21.86
N LYS B 58 -17.37 -16.55 -22.67
CA LYS B 58 -17.80 -17.23 -23.88
C LYS B 58 -16.63 -17.52 -24.82
N VAL B 59 -15.65 -16.60 -24.85
CA VAL B 59 -14.55 -16.76 -25.79
C VAL B 59 -13.69 -17.99 -25.46
N TYR B 60 -13.58 -18.37 -24.18
CA TYR B 60 -12.74 -19.53 -23.90
C TYR B 60 -13.40 -20.84 -24.31
N GLY B 61 -14.57 -20.80 -24.95
CA GLY B 61 -15.25 -21.98 -25.43
C GLY B 61 -15.17 -23.21 -24.53
N ASN B 62 -15.64 -23.07 -23.28
CA ASN B 62 -15.72 -24.23 -22.40
C ASN B 62 -16.88 -24.06 -21.42
N GLU B 63 -17.84 -23.19 -21.72
CA GLU B 63 -18.93 -22.91 -20.79
C GLU B 63 -19.83 -24.12 -20.62
N LYS B 64 -20.09 -24.86 -21.71
CA LYS B 64 -20.89 -26.07 -21.61
C LYS B 64 -20.26 -27.06 -20.64
N GLU B 65 -18.94 -27.27 -20.74
CA GLU B 65 -18.25 -28.22 -19.85
C GLU B 65 -18.29 -27.73 -18.41
N ILE B 66 -18.02 -26.43 -18.19
CA ILE B 66 -18.20 -25.86 -16.87
C ILE B 66 -19.61 -26.12 -16.36
N GLY B 67 -20.61 -25.91 -17.22
CA GLY B 67 -21.99 -26.06 -16.79
C GLY B 67 -22.32 -27.48 -16.34
N LEU B 68 -21.74 -28.48 -16.99
CA LEU B 68 -21.98 -29.84 -16.55
C LEU B 68 -21.35 -30.09 -15.19
N ALA B 69 -20.11 -29.62 -14.99
CA ALA B 69 -19.47 -29.63 -13.67
C ALA B 69 -20.36 -28.98 -12.62
N LEU B 70 -20.85 -27.77 -12.92
CA LEU B 70 -21.76 -27.10 -11.99
C LEU B 70 -22.97 -27.96 -11.69
N LYS B 71 -23.56 -28.59 -12.71
CA LYS B 71 -24.75 -29.39 -12.49
C LYS B 71 -24.45 -30.65 -11.66
N LYS B 72 -23.32 -31.31 -11.94
CA LYS B 72 -22.88 -32.39 -11.07
C LYS B 72 -22.77 -31.90 -9.63
N LEU B 73 -22.13 -30.73 -9.44
CA LEU B 73 -21.98 -30.17 -8.10
C LEU B 73 -23.32 -29.96 -7.43
N PHE B 74 -24.27 -29.35 -8.16
CA PHE B 74 -25.58 -29.08 -7.57
C PHE B 74 -26.28 -30.36 -7.15
N GLU B 75 -26.20 -31.41 -7.97
CA GLU B 75 -27.01 -32.59 -7.71
C GLU B 75 -26.39 -33.51 -6.66
N GLU B 76 -25.07 -33.49 -6.49
CA GLU B 76 -24.49 -34.15 -5.33
C GLU B 76 -24.75 -33.39 -4.03
N GLY B 77 -25.32 -32.20 -4.08
CA GLY B 77 -25.49 -31.41 -2.87
C GLY B 77 -24.25 -30.72 -2.35
N VAL B 78 -23.16 -30.67 -3.14
CA VAL B 78 -21.94 -30.02 -2.68
C VAL B 78 -22.21 -28.56 -2.32
N VAL B 79 -22.97 -27.84 -3.17
CA VAL B 79 -23.44 -26.48 -2.90
C VAL B 79 -24.80 -26.32 -3.56
N LYS B 80 -25.48 -25.22 -3.26
CA LYS B 80 -26.66 -24.82 -4.02
C LYS B 80 -26.30 -23.64 -4.95
N ARG B 81 -27.20 -23.34 -5.89
CA ARG B 81 -26.94 -22.30 -6.87
C ARG B 81 -26.69 -20.95 -6.18
N GLU B 82 -27.59 -20.56 -5.29
CA GLU B 82 -27.44 -19.31 -4.56
C GLU B 82 -26.11 -19.17 -3.82
N ASP B 83 -25.40 -20.27 -3.58
CA ASP B 83 -24.13 -20.27 -2.87
C ASP B 83 -22.95 -19.92 -3.76
N LEU B 84 -23.13 -19.94 -5.07
CA LEU B 84 -22.05 -19.73 -6.02
C LEU B 84 -22.16 -18.35 -6.64
N PHE B 85 -21.00 -17.74 -6.90
CA PHE B 85 -20.87 -16.54 -7.71
C PHE B 85 -20.29 -16.99 -9.04
N ILE B 86 -21.05 -16.81 -10.11
CA ILE B 86 -20.66 -17.25 -11.45
C ILE B 86 -20.58 -16.04 -12.36
N THR B 87 -19.43 -15.88 -13.00
CA THR B 87 -19.16 -14.79 -13.93
C THR B 87 -19.01 -15.34 -15.35
N SER B 88 -19.47 -14.57 -16.33
CA SER B 88 -19.07 -14.79 -17.70
C SER B 88 -18.91 -13.43 -18.35
N LYS B 89 -18.59 -13.43 -19.65
CA LYS B 89 -18.13 -12.23 -20.30
C LYS B 89 -18.66 -12.16 -21.74
N LEU B 90 -18.94 -10.93 -22.15
CA LEU B 90 -19.41 -10.59 -23.48
C LEU B 90 -18.21 -10.39 -24.41
N TRP B 91 -18.08 -11.26 -25.40
CA TRP B 91 -16.93 -11.16 -26.27
C TRP B 91 -17.11 -9.99 -27.26
N ASN B 92 -16.02 -9.62 -27.93
CA ASN B 92 -15.99 -8.41 -28.75
C ASN B 92 -16.91 -8.46 -29.97
N ASP B 93 -17.36 -9.64 -30.36
CA ASP B 93 -18.17 -9.75 -31.57
C ASP B 93 -19.65 -9.64 -31.25
N ARG B 94 -20.01 -9.41 -29.99
CA ARG B 94 -21.41 -9.27 -29.58
C ARG B 94 -21.73 -7.91 -28.99
N HIS B 95 -20.95 -6.88 -29.32
CA HIS B 95 -21.18 -5.56 -28.75
C HIS B 95 -22.43 -4.87 -29.31
N ALA B 96 -22.99 -5.35 -30.44
CA ALA B 96 -24.19 -4.73 -30.98
C ALA B 96 -25.32 -4.89 -29.98
N PRO B 97 -26.05 -3.81 -29.68
CA PRO B 97 -27.12 -3.90 -28.65
C PRO B 97 -28.07 -5.06 -28.87
N GLU B 98 -28.46 -5.37 -30.12
CA GLU B 98 -29.32 -6.53 -30.31
C GLU B 98 -28.59 -7.85 -30.01
N ASP B 99 -27.25 -7.88 -30.09
CA ASP B 99 -26.54 -9.14 -29.83
C ASP B 99 -26.27 -9.40 -28.35
N VAL B 100 -26.17 -8.36 -27.52
CA VAL B 100 -25.80 -8.51 -26.12
C VAL B 100 -26.70 -9.52 -25.40
N PRO B 101 -28.04 -9.37 -25.40
CA PRO B 101 -28.88 -10.34 -24.65
C PRO B 101 -28.86 -11.73 -25.24
N GLU B 102 -28.66 -11.84 -26.56
CA GLU B 102 -28.57 -13.16 -27.18
C GLU B 102 -27.29 -13.86 -26.74
N ALA B 103 -26.18 -13.12 -26.75
CA ALA B 103 -24.92 -13.65 -26.25
C ALA B 103 -25.06 -14.11 -24.81
N LEU B 104 -25.74 -13.32 -23.98
CA LEU B 104 -25.90 -13.70 -22.57
C LEU B 104 -26.79 -14.92 -22.42
N ASN B 105 -27.90 -14.99 -23.17
CA ASN B 105 -28.73 -16.19 -23.15
C ASN B 105 -27.91 -17.42 -23.57
N GLU B 106 -27.00 -17.25 -24.53
CA GLU B 106 -26.18 -18.38 -24.95
C GLU B 106 -25.30 -18.89 -23.81
N SER B 107 -24.64 -17.97 -23.09
CA SER B 107 -23.81 -18.42 -21.98
C SER B 107 -24.66 -19.08 -20.89
N LEU B 108 -25.81 -18.49 -20.59
CA LEU B 108 -26.71 -19.09 -19.61
C LEU B 108 -27.15 -20.49 -20.04
N THR B 109 -27.41 -20.67 -21.33
CA THR B 109 -27.78 -21.99 -21.84
C THR B 109 -26.64 -22.98 -21.62
N ASP B 110 -25.44 -22.65 -22.12
CA ASP B 110 -24.29 -23.54 -21.99
C ASP B 110 -23.92 -23.79 -20.53
N LEU B 111 -24.08 -22.80 -19.67
CA LEU B 111 -23.82 -23.02 -18.25
C LEU B 111 -24.99 -23.66 -17.54
N GLN B 112 -26.16 -23.69 -18.18
CA GLN B 112 -27.39 -24.22 -17.58
C GLN B 112 -27.72 -23.47 -16.29
N LEU B 113 -27.76 -22.15 -16.41
CA LEU B 113 -28.08 -21.27 -15.29
C LEU B 113 -29.23 -20.36 -15.70
N ASP B 114 -30.01 -19.93 -14.71
CA ASP B 114 -31.07 -18.96 -14.96
C ASP B 114 -30.57 -17.53 -14.94
N TYR B 115 -29.43 -17.30 -14.30
CA TYR B 115 -28.89 -15.97 -14.11
C TYR B 115 -27.40 -16.10 -13.88
N LEU B 116 -26.67 -15.06 -14.26
CA LEU B 116 -25.27 -14.92 -13.91
C LEU B 116 -25.14 -13.99 -12.71
N ASP B 117 -24.12 -14.23 -11.89
CA ASP B 117 -23.89 -13.28 -10.81
C ASP B 117 -23.21 -12.02 -11.32
N LEU B 118 -22.48 -12.13 -12.42
CA LEU B 118 -21.75 -11.01 -13.01
C LEU B 118 -21.57 -11.28 -14.50
N TYR B 119 -21.79 -10.26 -15.31
CA TYR B 119 -21.57 -10.37 -16.74
C TYR B 119 -20.75 -9.16 -17.13
N LEU B 120 -19.62 -9.40 -17.80
CA LEU B 120 -18.64 -8.34 -18.06
C LEU B 120 -18.49 -8.12 -19.55
N ILE B 121 -18.36 -6.85 -19.95
CA ILE B 121 -17.78 -6.56 -21.26
C ILE B 121 -16.33 -6.99 -21.24
N HIS B 122 -15.98 -7.96 -22.09
CA HIS B 122 -14.66 -8.58 -22.00
C HIS B 122 -13.55 -7.60 -22.39
N TRP B 123 -13.77 -6.79 -23.43
CA TRP B 123 -12.77 -5.81 -23.88
C TRP B 123 -13.49 -4.57 -24.37
N PRO B 124 -12.87 -3.39 -24.25
CA PRO B 124 -13.43 -2.21 -24.92
C PRO B 124 -13.16 -2.20 -26.42
N PHE B 125 -13.59 -3.26 -27.10
CA PHE B 125 -13.24 -3.43 -28.51
C PHE B 125 -14.34 -4.23 -29.19
N ARG B 126 -14.56 -3.93 -30.47
CA ARG B 126 -15.64 -4.58 -31.21
C ARG B 126 -15.19 -5.07 -32.58
N VAL B 127 -15.68 -6.25 -32.94
CA VAL B 127 -15.57 -6.77 -34.31
C VAL B 127 -16.95 -7.25 -34.72
N LYS B 128 -17.13 -7.48 -36.03
CA LYS B 128 -18.40 -8.00 -36.52
C LYS B 128 -18.73 -9.35 -35.91
N LYS B 129 -20.02 -9.56 -35.68
CA LYS B 129 -20.53 -10.78 -35.06
C LYS B 129 -20.00 -12.02 -35.77
N GLY B 130 -19.61 -13.02 -34.99
CA GLY B 130 -19.11 -14.26 -35.52
C GLY B 130 -17.76 -14.21 -36.21
N THR B 131 -17.05 -13.07 -36.24
CA THR B 131 -15.75 -12.99 -36.89
C THR B 131 -14.60 -12.93 -35.87
N ASN B 132 -13.39 -12.74 -36.39
CA ASN B 132 -12.16 -12.78 -35.61
C ASN B 132 -11.47 -11.42 -35.61
N THR B 133 -10.42 -11.31 -34.81
CA THR B 133 -9.74 -10.04 -34.57
C THR B 133 -8.76 -9.76 -35.72
N SER B 134 -9.30 -9.24 -36.82
CA SER B 134 -8.46 -8.80 -37.92
C SER B 134 -9.04 -7.52 -38.50
N PRO B 135 -8.17 -6.58 -38.95
CA PRO B 135 -8.61 -5.23 -39.33
C PRO B 135 -9.90 -5.10 -40.14
N GLU B 136 -10.19 -6.03 -41.05
CA GLU B 136 -11.42 -5.87 -41.83
C GLU B 136 -12.67 -6.19 -41.01
N ASN B 137 -12.54 -6.78 -39.83
CA ASN B 137 -13.70 -7.02 -38.98
C ASN B 137 -13.87 -5.96 -37.90
N PHE B 138 -12.97 -4.99 -37.81
CA PHE B 138 -13.09 -3.96 -36.79
C PHE B 138 -14.35 -3.13 -37.02
N ILE B 139 -15.10 -2.89 -35.95
CA ILE B 139 -16.10 -1.84 -35.90
C ILE B 139 -15.77 -0.94 -34.73
N THR B 140 -15.82 0.37 -34.94
CA THR B 140 -15.68 1.34 -33.87
C THR B 140 -16.61 0.97 -32.70
N PRO B 141 -16.08 0.80 -31.50
CA PRO B 141 -16.94 0.46 -30.37
C PRO B 141 -17.93 1.58 -30.07
N ASP B 142 -19.06 1.20 -29.50
CA ASP B 142 -20.02 2.13 -28.87
C ASP B 142 -20.29 1.55 -27.49
N ILE B 143 -19.37 1.80 -26.56
CA ILE B 143 -19.53 1.27 -25.20
C ILE B 143 -20.83 1.73 -24.56
N PRO B 144 -21.20 3.02 -24.60
CA PRO B 144 -22.48 3.40 -23.99
C PRO B 144 -23.65 2.60 -24.57
N ALA B 145 -23.72 2.43 -25.89
CA ALA B 145 -24.85 1.65 -26.41
C ALA B 145 -24.75 0.20 -25.99
N THR B 146 -23.54 -0.37 -25.99
CA THR B 146 -23.41 -1.74 -25.50
C THR B 146 -23.77 -1.81 -24.03
N TRP B 147 -23.41 -0.77 -23.27
CA TRP B 147 -23.70 -0.78 -21.85
C TRP B 147 -25.19 -0.71 -21.61
N GLY B 148 -25.90 0.11 -22.38
CA GLY B 148 -27.36 0.15 -22.30
C GLY B 148 -27.99 -1.21 -22.46
N ALA B 149 -27.42 -2.03 -23.35
CA ALA B 149 -27.97 -3.38 -23.50
C ALA B 149 -27.60 -4.25 -22.31
N MET B 150 -26.38 -4.11 -21.78
CA MET B 150 -26.06 -4.75 -20.51
C MET B 150 -27.05 -4.34 -19.41
N GLU B 151 -27.34 -3.03 -19.31
CA GLU B 151 -28.26 -2.55 -18.29
C GLU B 151 -29.63 -3.22 -18.41
N LYS B 152 -30.10 -3.42 -19.65
CA LYS B 152 -31.35 -4.15 -19.86
C LYS B 152 -31.29 -5.57 -19.31
N CYS B 153 -30.16 -6.26 -19.52
CA CYS B 153 -30.03 -7.61 -18.95
C CYS B 153 -30.06 -7.57 -17.44
N TYR B 154 -29.45 -6.54 -16.85
CA TYR B 154 -29.47 -6.35 -15.41
C TYR B 154 -30.90 -6.12 -14.93
N ASP B 155 -31.63 -5.21 -15.60
CA ASP B 155 -33.04 -4.97 -15.28
C ASP B 155 -33.86 -6.26 -15.33
N ALA B 156 -33.54 -7.17 -16.25
CA ALA B 156 -34.30 -8.40 -16.40
C ALA B 156 -33.86 -9.49 -15.43
N GLY B 157 -32.83 -9.23 -14.61
CA GLY B 157 -32.34 -10.21 -13.67
C GLY B 157 -31.50 -11.32 -14.27
N LYS B 158 -31.18 -11.26 -15.56
CA LYS B 158 -30.35 -12.31 -16.14
C LYS B 158 -28.90 -12.16 -15.72
N ALA B 159 -28.45 -10.93 -15.48
CA ALA B 159 -27.15 -10.67 -14.85
C ALA B 159 -27.40 -9.84 -13.60
N ARG B 160 -27.11 -10.40 -12.43
CA ARG B 160 -27.44 -9.75 -11.18
C ARG B 160 -26.50 -8.58 -10.86
N ALA B 161 -25.33 -8.58 -11.46
CA ALA B 161 -24.49 -7.39 -11.60
C ALA B 161 -23.87 -7.41 -12.98
N ILE B 162 -23.50 -6.23 -13.48
CA ILE B 162 -22.81 -6.08 -14.76
C ILE B 162 -21.53 -5.27 -14.54
N GLY B 163 -20.54 -5.51 -15.39
CA GLY B 163 -19.30 -4.76 -15.27
C GLY B 163 -18.46 -4.81 -16.54
N VAL B 164 -17.17 -4.50 -16.38
CA VAL B 164 -16.24 -4.44 -17.49
C VAL B 164 -14.92 -5.14 -17.12
N SER B 165 -14.09 -5.32 -18.14
CA SER B 165 -12.79 -5.95 -18.00
C SER B 165 -11.86 -5.21 -18.94
N ASN B 166 -10.59 -5.07 -18.54
CA ASN B 166 -9.59 -4.37 -19.34
C ASN B 166 -9.95 -2.91 -19.65
N PHE B 167 -10.67 -2.23 -18.75
CA PHE B 167 -10.94 -0.79 -18.92
C PHE B 167 -9.96 0.02 -18.07
N SER B 168 -9.27 0.97 -18.70
CA SER B 168 -8.40 1.82 -17.88
C SER B 168 -9.26 2.66 -16.94
N SER B 169 -8.57 3.37 -16.04
CA SER B 169 -9.22 4.40 -15.21
C SER B 169 -10.03 5.36 -16.06
N LYS B 170 -9.44 5.83 -17.14
CA LYS B 170 -10.10 6.76 -18.04
C LYS B 170 -11.36 6.15 -18.65
N LYS B 171 -11.28 4.90 -19.13
CA LYS B 171 -12.46 4.32 -19.78
C LYS B 171 -13.51 3.90 -18.77
N LEU B 172 -13.12 3.48 -17.57
CA LEU B 172 -14.10 3.23 -16.54
C LEU B 172 -14.79 4.54 -16.15
N GLY B 173 -14.02 5.63 -16.06
CA GLY B 173 -14.62 6.91 -15.74
C GLY B 173 -15.59 7.38 -16.81
N ASP B 174 -15.17 7.31 -18.07
CA ASP B 174 -16.06 7.71 -19.16
C ASP B 174 -17.37 6.92 -19.14
N LEU B 175 -17.30 5.66 -18.75
CA LEU B 175 -18.50 4.85 -18.68
C LEU B 175 -19.35 5.20 -17.46
N LEU B 176 -18.69 5.35 -16.30
CA LEU B 176 -19.42 5.76 -15.09
C LEU B 176 -20.19 7.04 -15.30
N ALA B 177 -19.64 7.97 -16.07
CA ALA B 177 -20.26 9.27 -16.22
C ALA B 177 -21.56 9.22 -17.02
N VAL B 178 -21.77 8.21 -17.86
CA VAL B 178 -23.02 8.10 -18.61
C VAL B 178 -23.91 6.97 -18.11
N ALA B 179 -23.42 6.13 -17.21
CA ALA B 179 -24.15 4.91 -16.89
C ALA B 179 -25.34 5.19 -15.98
N ARG B 180 -26.46 4.52 -16.26
CA ARG B 180 -27.55 4.47 -15.30
C ARG B 180 -27.25 3.47 -14.20
N VAL B 181 -26.76 2.28 -14.59
CA VAL B 181 -26.30 1.26 -13.65
C VAL B 181 -24.79 1.30 -13.68
N HIS B 182 -24.17 1.61 -12.53
CA HIS B 182 -22.73 1.69 -12.48
C HIS B 182 -22.12 0.29 -12.68
N PRO B 183 -21.07 0.18 -13.48
CA PRO B 183 -20.31 -1.08 -13.51
C PRO B 183 -19.93 -1.46 -12.09
N ALA B 184 -20.17 -2.71 -11.74
CA ALA B 184 -19.86 -3.19 -10.40
C ALA B 184 -18.42 -3.64 -10.24
N VAL B 185 -17.77 -4.00 -11.35
CA VAL B 185 -16.50 -4.71 -11.38
C VAL B 185 -15.72 -4.22 -12.59
N ASP B 186 -14.44 -3.95 -12.40
CA ASP B 186 -13.49 -3.84 -13.50
C ASP B 186 -12.47 -4.95 -13.27
N GLN B 187 -12.49 -5.97 -14.13
CA GLN B 187 -11.60 -7.12 -13.99
C GLN B 187 -10.37 -6.88 -14.83
N VAL B 188 -9.20 -6.84 -14.20
CA VAL B 188 -7.99 -6.44 -14.90
C VAL B 188 -6.86 -7.31 -14.43
N GLU B 189 -5.79 -7.29 -15.23
CA GLU B 189 -4.55 -7.90 -14.82
C GLU B 189 -4.04 -7.16 -13.60
N CYS B 190 -3.80 -7.88 -12.52
CA CYS B 190 -3.26 -7.24 -11.33
C CYS B 190 -2.58 -8.31 -10.49
N HIS B 191 -1.30 -8.09 -10.22
CA HIS B 191 -0.43 -9.03 -9.53
C HIS B 191 0.79 -8.24 -9.10
N PRO B 192 1.68 -8.82 -8.27
CA PRO B 192 2.81 -8.01 -7.79
C PRO B 192 3.66 -7.40 -8.90
N GLY B 193 3.71 -8.03 -10.07
CA GLY B 193 4.40 -7.46 -11.21
C GLY B 193 3.67 -6.34 -11.93
N TRP B 194 2.41 -6.08 -11.55
CA TRP B 194 1.60 -5.08 -12.25
C TRP B 194 0.49 -4.67 -11.28
N GLN B 195 0.77 -3.67 -10.45
CA GLN B 195 0.01 -3.45 -9.23
C GLN B 195 -1.20 -2.54 -9.44
N GLN B 196 -1.25 -1.80 -10.56
CA GLN B 196 -2.46 -1.08 -10.97
C GLN B 196 -2.84 -0.02 -9.93
N THR B 197 -1.83 0.66 -9.36
CA THR B 197 -2.12 1.58 -8.27
C THR B 197 -3.10 2.65 -8.72
N LYS B 198 -2.92 3.19 -9.92
CA LYS B 198 -3.81 4.22 -10.39
C LYS B 198 -5.24 3.70 -10.47
N LEU B 199 -5.43 2.53 -11.09
CA LEU B 199 -6.77 2.02 -11.23
C LEU B 199 -7.34 1.60 -9.88
N HIS B 200 -6.49 1.03 -9.04
CA HIS B 200 -6.90 0.71 -7.67
C HIS B 200 -7.46 1.93 -6.96
N ASN B 201 -6.70 3.05 -6.96
CA ASN B 201 -7.22 4.27 -6.35
C ASN B 201 -8.54 4.69 -7.00
N PHE B 202 -8.60 4.64 -8.34
CA PHE B 202 -9.79 5.12 -9.02
C PHE B 202 -11.01 4.28 -8.66
N CYS B 203 -10.84 2.95 -8.63
CA CYS B 203 -11.92 2.05 -8.27
C CYS B 203 -12.43 2.35 -6.88
N GLN B 204 -11.51 2.58 -5.95
CA GLN B 204 -11.86 2.99 -4.59
C GLN B 204 -12.74 4.24 -4.60
N SER B 205 -12.32 5.27 -5.34
CA SER B 205 -13.05 6.53 -5.31
C SER B 205 -14.42 6.39 -5.94
N THR B 206 -14.65 5.39 -6.79
CA THR B 206 -15.90 5.29 -7.53
C THR B 206 -16.79 4.15 -7.06
N GLY B 207 -16.34 3.33 -6.12
CA GLY B 207 -17.17 2.24 -5.66
C GLY B 207 -17.20 1.06 -6.60
N VAL B 208 -16.28 0.99 -7.56
CA VAL B 208 -16.16 -0.15 -8.46
C VAL B 208 -15.22 -1.15 -7.84
N HIS B 209 -15.63 -2.42 -7.80
CA HIS B 209 -14.72 -3.46 -7.33
C HIS B 209 -13.69 -3.81 -8.40
N LEU B 210 -12.46 -4.12 -7.97
CA LEU B 210 -11.37 -4.52 -8.86
C LEU B 210 -11.13 -5.99 -8.65
N THR B 211 -11.33 -6.79 -9.70
CA THR B 211 -11.02 -8.21 -9.66
C THR B 211 -9.70 -8.39 -10.38
N ALA B 212 -8.79 -9.14 -9.76
CA ALA B 212 -7.46 -9.29 -10.30
C ALA B 212 -7.43 -10.57 -11.13
N TYR B 213 -7.28 -10.43 -12.44
CA TYR B 213 -7.00 -11.62 -13.22
C TYR B 213 -5.50 -11.78 -13.40
N SER B 214 -5.10 -12.97 -13.82
CA SER B 214 -3.72 -13.44 -13.79
C SER B 214 -3.06 -13.01 -12.48
N PRO B 215 -3.62 -13.41 -11.33
CA PRO B 215 -3.08 -12.91 -10.06
C PRO B 215 -1.71 -13.49 -9.73
N LEU B 216 -1.24 -14.48 -10.47
CA LEU B 216 0.10 -15.02 -10.27
C LEU B 216 1.06 -14.61 -11.37
N GLY B 217 0.63 -13.70 -12.24
CA GLY B 217 1.47 -13.32 -13.36
C GLY B 217 1.46 -14.31 -14.48
N SER B 218 0.48 -15.21 -14.49
CA SER B 218 0.27 -16.19 -15.55
C SER B 218 1.58 -16.87 -15.95
N PRO B 219 2.25 -17.54 -15.00
CA PRO B 219 3.54 -18.18 -15.34
C PRO B 219 3.42 -19.25 -16.41
N GLY B 220 2.37 -20.08 -16.35
CA GLY B 220 2.08 -21.11 -17.33
C GLY B 220 2.28 -20.73 -18.79
N THR B 221 1.43 -19.84 -19.32
CA THR B 221 1.53 -19.42 -20.71
C THR B 221 2.93 -18.89 -21.02
N THR B 222 3.68 -19.62 -21.87
CA THR B 222 5.15 -19.53 -21.91
C THR B 222 5.66 -18.38 -22.76
N TRP B 223 4.94 -17.99 -23.80
CA TRP B 223 5.33 -16.84 -24.61
C TRP B 223 5.27 -15.54 -23.81
N MET B 224 4.43 -15.52 -22.79
CA MET B 224 4.09 -14.34 -22.01
C MET B 224 4.68 -14.41 -20.60
N ASN B 225 5.55 -15.41 -20.37
CA ASN B 225 6.00 -15.84 -19.03
C ASN B 225 6.25 -14.67 -18.09
N GLY B 226 5.40 -14.55 -17.07
CA GLY B 226 5.71 -13.71 -15.94
C GLY B 226 6.60 -14.49 -15.00
N ASN B 227 7.57 -13.78 -14.42
CA ASN B 227 8.42 -14.33 -13.36
C ASN B 227 8.09 -13.76 -12.00
N VAL B 228 6.79 -13.58 -11.76
CA VAL B 228 6.32 -12.95 -10.54
C VAL B 228 6.63 -13.82 -9.33
N LEU B 229 6.36 -15.13 -9.42
CA LEU B 229 6.66 -16.00 -8.29
C LEU B 229 8.15 -16.22 -8.09
N LYS B 230 9.00 -15.57 -8.87
CA LYS B 230 10.45 -15.67 -8.75
C LYS B 230 11.07 -14.32 -8.47
N GLU B 231 10.26 -13.32 -8.14
CA GLU B 231 10.81 -12.06 -7.71
C GLU B 231 11.46 -12.25 -6.34
N PRO B 232 12.68 -11.77 -6.14
CA PRO B 232 13.30 -11.88 -4.81
C PRO B 232 12.35 -11.47 -3.70
N VAL B 233 11.72 -10.29 -3.84
CA VAL B 233 10.81 -9.78 -2.80
C VAL B 233 9.76 -10.83 -2.44
N ILE B 234 9.16 -11.46 -3.45
CA ILE B 234 8.11 -12.44 -3.17
C ILE B 234 8.68 -13.63 -2.41
N ILE B 235 9.88 -14.09 -2.80
CA ILE B 235 10.48 -15.25 -2.17
C ILE B 235 10.92 -14.93 -0.74
N SER B 236 11.61 -13.80 -0.56
CA SER B 236 12.01 -13.42 0.80
C SER B 236 10.77 -13.24 1.69
N ILE B 237 9.72 -12.61 1.18
CA ILE B 237 8.50 -12.49 1.99
C ILE B 237 7.91 -13.86 2.26
N ALA B 238 7.96 -14.76 1.27
CA ALA B 238 7.32 -16.06 1.43
C ALA B 238 8.01 -16.90 2.49
N GLU B 239 9.35 -16.91 2.49
CA GLU B 239 10.07 -17.63 3.54
C GLU B 239 9.83 -17.00 4.90
N LYS B 240 9.79 -15.67 4.97
CA LYS B 240 9.63 -15.04 6.28
C LYS B 240 8.25 -15.26 6.87
N LEU B 241 7.25 -15.56 6.04
CA LEU B 241 5.90 -15.79 6.52
C LEU B 241 5.53 -17.27 6.53
N GLY B 242 6.44 -18.14 6.11
CA GLY B 242 6.13 -19.56 5.98
C GLY B 242 4.94 -19.82 5.08
N LYS B 243 4.95 -19.25 3.87
CA LYS B 243 3.92 -19.53 2.87
C LYS B 243 4.59 -19.67 1.52
N THR B 244 3.83 -20.15 0.53
CA THR B 244 4.35 -20.23 -0.83
C THR B 244 4.39 -18.85 -1.48
N PRO B 245 5.23 -18.65 -2.49
CA PRO B 245 5.19 -17.38 -3.22
C PRO B 245 3.83 -17.09 -3.83
N ALA B 246 3.07 -18.11 -4.19
CA ALA B 246 1.75 -17.87 -4.76
C ALA B 246 0.80 -17.36 -3.68
N GLN B 247 0.87 -17.95 -2.49
CA GLN B 247 0.05 -17.47 -1.40
C GLN B 247 0.35 -16.01 -1.12
N VAL B 248 1.62 -15.63 -1.13
CA VAL B 248 1.98 -14.23 -0.90
C VAL B 248 1.36 -13.35 -1.97
N ALA B 249 1.57 -13.73 -3.25
CA ALA B 249 1.02 -12.97 -4.37
C ALA B 249 -0.49 -12.84 -4.24
N LEU B 250 -1.17 -13.95 -3.92
CA LEU B 250 -2.61 -13.88 -3.79
C LEU B 250 -3.00 -12.98 -2.63
N ARG B 251 -2.33 -13.18 -1.49
CA ARG B 251 -2.70 -12.45 -0.28
C ARG B 251 -2.49 -10.95 -0.46
N TRP B 252 -1.44 -10.56 -1.20
CA TRP B 252 -1.24 -9.16 -1.53
C TRP B 252 -2.51 -8.55 -2.11
N ASN B 253 -3.04 -9.16 -3.16
CA ASN B 253 -4.21 -8.61 -3.83
C ASN B 253 -5.38 -8.52 -2.87
N ILE B 254 -5.66 -9.60 -2.15
CA ILE B 254 -6.78 -9.62 -1.20
C ILE B 254 -6.62 -8.52 -0.16
N GLN B 255 -5.38 -8.24 0.26
CA GLN B 255 -5.12 -7.19 1.24
C GLN B 255 -5.24 -5.80 0.64
N MET B 256 -5.02 -5.67 -0.68
CA MET B 256 -5.34 -4.42 -1.35
C MET B 256 -6.83 -4.24 -1.59
N GLY B 257 -7.65 -5.23 -1.22
CA GLY B 257 -9.08 -5.17 -1.42
C GLY B 257 -9.58 -5.74 -2.73
N HIS B 258 -8.81 -6.62 -3.36
CA HIS B 258 -9.11 -7.13 -4.69
C HIS B 258 -9.46 -8.60 -4.60
N SER B 259 -10.53 -9.00 -5.28
CA SER B 259 -10.69 -10.42 -5.51
C SER B 259 -9.65 -10.89 -6.53
N VAL B 260 -9.36 -12.18 -6.50
CA VAL B 260 -8.34 -12.82 -7.34
C VAL B 260 -8.92 -14.03 -8.05
N LEU B 261 -8.41 -14.30 -9.25
CA LEU B 261 -8.91 -15.41 -10.06
C LEU B 261 -7.79 -16.37 -10.41
N PRO B 262 -7.14 -17.01 -9.44
CA PRO B 262 -6.06 -17.94 -9.79
C PRO B 262 -6.59 -19.07 -10.67
N LYS B 263 -5.83 -19.40 -11.71
CA LYS B 263 -6.11 -20.54 -12.59
C LYS B 263 -5.24 -21.73 -12.17
N SER B 264 -5.86 -22.84 -11.86
CA SER B 264 -5.14 -24.09 -11.68
C SER B 264 -6.06 -25.25 -12.01
N THR B 265 -5.48 -26.30 -12.58
CA THR B 265 -6.17 -27.57 -12.76
C THR B 265 -5.50 -28.66 -11.92
N ASN B 266 -4.89 -28.26 -10.81
CA ASN B 266 -4.09 -29.13 -9.96
C ASN B 266 -4.68 -29.11 -8.56
N GLU B 267 -5.15 -30.27 -8.09
CA GLU B 267 -5.91 -30.32 -6.86
C GLU B 267 -5.16 -29.70 -5.68
N GLU B 268 -3.84 -29.88 -5.63
CA GLU B 268 -3.10 -29.37 -4.47
C GLU B 268 -2.95 -27.85 -4.55
N ARG B 269 -2.50 -27.33 -5.69
CA ARG B 269 -2.39 -25.89 -5.83
C ARG B 269 -3.75 -25.21 -5.71
N ILE B 270 -4.83 -25.90 -6.12
CA ILE B 270 -6.17 -25.33 -6.02
C ILE B 270 -6.53 -25.07 -4.57
N LYS B 271 -6.33 -26.07 -3.69
CA LYS B 271 -6.61 -25.84 -2.27
C LYS B 271 -5.62 -24.86 -1.65
N GLN B 272 -4.37 -24.88 -2.11
CA GLN B 272 -3.38 -23.92 -1.65
C GLN B 272 -3.83 -22.49 -1.91
N ASN B 273 -4.40 -22.24 -3.10
CA ASN B 273 -4.80 -20.89 -3.49
C ASN B 273 -5.92 -20.33 -2.63
N LEU B 274 -6.62 -21.17 -1.88
CA LEU B 274 -7.64 -20.75 -0.91
C LEU B 274 -7.09 -20.38 0.46
N ASP B 275 -5.89 -20.83 0.82
CA ASP B 275 -5.30 -20.53 2.13
C ASP B 275 -4.64 -19.15 2.09
N VAL B 276 -5.49 -18.10 2.14
CA VAL B 276 -5.01 -16.73 1.97
C VAL B 276 -5.81 -15.81 2.89
N TYR B 277 -6.49 -16.39 3.84
CA TYR B 277 -7.44 -15.67 4.67
C TYR B 277 -7.04 -15.57 6.13
N ASP B 278 -6.42 -16.61 6.68
CA ASP B 278 -6.19 -16.69 8.12
C ASP B 278 -4.87 -16.09 8.55
N TRP B 279 -4.18 -15.38 7.66
CA TRP B 279 -2.90 -14.76 7.94
C TRP B 279 -2.82 -13.48 7.11
N SER B 280 -1.68 -12.79 7.18
CA SER B 280 -1.57 -11.47 6.58
C SER B 280 -0.12 -11.16 6.24
N ILE B 281 0.06 -10.13 5.43
CA ILE B 281 1.38 -9.59 5.11
C ILE B 281 1.61 -8.41 6.04
N PRO B 282 2.66 -8.40 6.85
CA PRO B 282 2.87 -7.27 7.76
C PRO B 282 3.19 -6.00 7.01
N ASP B 283 2.93 -4.86 7.67
CA ASP B 283 3.05 -3.58 6.98
C ASP B 283 4.45 -3.33 6.45
N ASP B 284 5.49 -3.86 7.10
CA ASP B 284 6.85 -3.58 6.66
C ASP B 284 7.23 -4.38 5.44
N LEU B 285 6.80 -5.65 5.36
CA LEU B 285 7.01 -6.40 4.13
C LEU B 285 6.09 -5.91 3.01
N LEU B 286 4.88 -5.47 3.34
CA LEU B 286 3.98 -4.92 2.34
C LEU B 286 4.63 -3.75 1.61
N ALA B 287 5.33 -2.88 2.34
CA ALA B 287 5.95 -1.72 1.71
C ALA B 287 7.06 -2.13 0.76
N LYS B 288 7.52 -3.37 0.82
CA LYS B 288 8.58 -3.80 -0.09
C LYS B 288 8.06 -4.18 -1.47
N PHE B 289 6.73 -4.21 -1.66
CA PHE B 289 6.17 -4.54 -2.97
C PHE B 289 6.50 -3.47 -3.98
N SER B 290 6.76 -2.24 -3.53
CA SER B 290 7.13 -1.15 -4.41
C SER B 290 8.48 -1.37 -5.09
N GLU B 291 9.26 -2.33 -4.64
CA GLU B 291 10.57 -2.56 -5.24
C GLU B 291 10.48 -3.46 -6.46
N ILE B 292 9.39 -4.20 -6.63
CA ILE B 292 9.25 -5.10 -7.77
C ILE B 292 9.16 -4.29 -9.05
N LYS B 293 9.84 -4.77 -10.08
CA LYS B 293 9.74 -4.18 -11.42
C LYS B 293 8.30 -4.31 -11.94
N GLN B 294 7.79 -3.25 -12.54
CA GLN B 294 6.43 -3.25 -13.06
C GLN B 294 6.46 -3.50 -14.57
N ALA B 295 5.61 -4.40 -15.04
CA ALA B 295 5.48 -4.65 -16.48
C ALA B 295 4.15 -5.35 -16.74
N ARG B 296 3.41 -4.86 -17.74
CA ARG B 296 2.12 -5.46 -18.08
C ARG B 296 2.33 -6.64 -19.01
N LEU B 297 1.79 -7.81 -18.63
CA LEU B 297 2.02 -9.07 -19.34
C LEU B 297 1.01 -9.33 -20.46
N LEU B 298 -0.25 -8.95 -20.27
CA LEU B 298 -1.27 -9.10 -21.32
C LEU B 298 -1.49 -7.70 -21.90
N ARG B 299 -0.69 -7.39 -22.92
CA ARG B 299 -0.57 -6.04 -23.40
C ARG B 299 -1.65 -5.64 -24.40
N GLY B 300 -2.47 -6.58 -24.86
CA GLY B 300 -3.53 -6.22 -25.80
C GLY B 300 -3.06 -6.04 -27.24
N ASN B 301 -2.01 -6.76 -27.66
CA ASN B 301 -1.48 -6.59 -29.01
C ASN B 301 -2.54 -6.86 -30.07
N PHE B 302 -3.42 -7.82 -29.83
CA PHE B 302 -4.37 -8.21 -30.87
C PHE B 302 -5.30 -7.07 -31.29
N ILE B 303 -5.43 -6.01 -30.50
CA ILE B 303 -6.34 -4.91 -30.82
C ILE B 303 -5.63 -3.57 -30.89
N VAL B 304 -4.31 -3.56 -30.94
CA VAL B 304 -3.53 -2.36 -31.23
C VAL B 304 -3.05 -2.48 -32.66
N ASN B 305 -3.34 -1.48 -33.47
CA ASN B 305 -3.26 -1.64 -34.91
C ASN B 305 -3.50 -0.31 -35.62
N PRO B 306 -2.89 -0.06 -36.77
CA PRO B 306 -3.20 1.18 -37.49
C PRO B 306 -4.61 1.26 -38.02
N GLN B 307 -5.41 0.19 -37.91
CA GLN B 307 -6.82 0.26 -38.26
C GLN B 307 -7.74 0.24 -37.05
N SER B 308 -7.20 0.05 -35.86
CA SER B 308 -8.00 0.00 -34.65
C SER B 308 -8.23 1.40 -34.12
N VAL B 309 -9.28 1.55 -33.29
CA VAL B 309 -9.43 2.79 -32.55
C VAL B 309 -8.23 3.04 -31.64
N TYR B 310 -7.47 1.99 -31.32
CA TYR B 310 -6.24 2.08 -30.54
C TYR B 310 -5.04 1.81 -31.44
N LYS B 311 -4.39 2.88 -31.90
CA LYS B 311 -3.20 2.72 -32.73
C LYS B 311 -1.96 2.40 -31.91
N THR B 312 -1.92 2.83 -30.66
CA THR B 312 -0.81 2.63 -29.76
C THR B 312 -1.31 1.92 -28.51
N HIS B 313 -0.39 1.23 -27.83
CA HIS B 313 -0.78 0.57 -26.59
C HIS B 313 -1.26 1.58 -25.55
N GLU B 314 -0.66 2.78 -25.56
CA GLU B 314 -1.03 3.84 -24.63
C GLU B 314 -2.43 4.38 -24.89
N GLU B 315 -2.96 4.27 -26.11
CA GLU B 315 -4.36 4.61 -26.33
C GLU B 315 -5.26 3.57 -25.70
N LEU B 316 -4.91 2.29 -25.84
CA LEU B 316 -5.76 1.25 -25.27
C LEU B 316 -5.86 1.42 -23.76
N TRP B 317 -4.72 1.63 -23.10
CA TRP B 317 -4.60 1.60 -21.65
C TRP B 317 -4.58 2.99 -21.02
N ASP B 318 -4.56 4.06 -21.82
CA ASP B 318 -4.60 5.44 -21.35
C ASP B 318 -3.50 5.70 -20.33
N GLY B 319 -2.27 5.42 -20.74
CA GLY B 319 -1.10 5.77 -19.97
C GLY B 319 -0.76 4.79 -18.89
N GLU B 320 -1.60 3.79 -18.66
CA GLU B 320 -1.34 2.78 -17.65
C GLU B 320 -0.59 1.62 -18.29
N LEU B 321 0.69 1.89 -18.57
CA LEU B 321 1.57 0.95 -19.26
C LEU B 321 3.02 1.15 -18.82
#